data_3H7C
#
_entry.id   3H7C
#
_cell.length_a   123.715
_cell.length_b   69.932
_cell.length_c   50.917
_cell.angle_alpha   90.000
_cell.angle_beta   98.400
_cell.angle_gamma   90.000
#
_symmetry.space_group_name_H-M   'C 1 2 1'
#
loop_
_entity.id
_entity.type
_entity.pdbx_description
1 polymer 'Agmatine deiminase'
2 non-polymer 'CHLORIDE ION'
3 non-polymer 'MAGNESIUM ION'
4 non-polymer 'SODIUM ION'
5 non-polymer 'POTASSIUM ION'
6 non-polymer "2,2',2''-NITRILOTRIETHANOL"
7 non-polymer 'PENTAETHYLENE GLYCOL'
8 water water
#
_entity_poly.entity_id   1
_entity_poly.type   'polypeptide(L)'
_entity_poly.pdbx_seq_one_letter_code
;SEESRESPAEHGYY(MSE)PAEWDSHAQTWIGWPERQDNWRHNALPAQRVFAGVAKAISKFEPVTVCASPAQWENARKQL
PEDIRVVE(MSE)S(MSE)NDSWFRDSGPTFIVRKRPVKLSSLNRNIAGIDWNFNAWGGANDGCYNDWSHDLLVSRKILA
LERIPRFQHS(MSE)ILEGGSIHVDGEGTCLVTEECLLNKNRNPH(MSE)SKEQIEEELKKYLGVQSFIWLPRGLYGDED
TNGHIDN(MSE)CCFARPGVVLLSWTDDETDPQYERSVEALSVLSNSIDARGRKIQVIKLYIPEPLY(MSE)TEEESSGI
TQDGEAIPRLAGTRLAASYVNFYIANGGIIAPQFGDPIRDKEAIRVLSDTFPHHSVVGIENAREIVLAGGNIHCITQQQP
AEPTSVAENGH
;
_entity_poly.pdbx_strand_id   X
#
# COMPACT_ATOMS: atom_id res chain seq x y z
N SER A 1 -3.11 20.97 -5.17
CA SER A 1 -4.31 21.76 -5.59
C SER A 1 -5.07 22.15 -4.32
N GLU A 2 -6.29 22.67 -4.46
CA GLU A 2 -7.05 23.11 -3.29
C GLU A 2 -7.83 21.97 -2.67
N GLU A 3 -8.48 22.25 -1.55
CA GLU A 3 -9.19 21.22 -0.80
C GLU A 3 -10.67 21.36 -1.08
N SER A 4 -11.40 20.27 -1.12
CA SER A 4 -12.85 20.29 -1.20
C SER A 4 -13.48 21.21 -0.15
N ARG A 5 -14.57 21.89 -0.52
CA ARG A 5 -15.22 22.88 0.39
C ARG A 5 -15.77 22.17 1.65
N GLU A 6 -16.23 20.91 1.52
CA GLU A 6 -16.74 20.15 2.67
C GLU A 6 -15.99 18.83 2.70
N SER A 7 -15.72 18.35 3.91
CA SER A 7 -14.96 17.11 4.10
C SER A 7 -15.85 15.89 3.98
N PRO A 8 -15.24 14.73 3.73
CA PRO A 8 -15.97 13.48 3.73
C PRO A 8 -16.81 13.32 4.99
N ALA A 9 -16.23 13.60 6.14
CA ALA A 9 -16.96 13.36 7.39
C ALA A 9 -18.20 14.21 7.48
N GLU A 10 -18.16 15.42 6.91
CA GLU A 10 -19.33 16.30 6.92
C GLU A 10 -20.50 15.66 6.17
N HIS A 11 -20.23 14.77 5.21
CA HIS A 11 -21.23 14.11 4.38
C HIS A 11 -21.54 12.68 4.84
N GLY A 12 -20.93 12.30 5.96
CA GLY A 12 -21.15 10.96 6.56
C GLY A 12 -20.23 9.83 6.10
N TYR A 13 -19.19 10.17 5.34
CA TYR A 13 -18.31 9.11 4.79
C TYR A 13 -17.21 8.76 5.78
N TYR A 14 -16.68 7.57 5.61
CA TYR A 14 -15.50 7.13 6.35
C TYR A 14 -14.80 6.05 5.52
N PRO A 16 -13.67 2.44 5.10
CA PRO A 16 -13.92 1.14 5.71
C PRO A 16 -12.65 0.31 5.78
N ALA A 17 -12.67 -0.71 6.63
CA ALA A 17 -11.53 -1.59 6.72
C ALA A 17 -11.33 -2.31 5.38
N GLU A 18 -10.09 -2.72 5.14
CA GLU A 18 -9.76 -3.42 3.90
C GLU A 18 -10.49 -4.76 3.79
N TRP A 19 -10.83 -5.37 4.95
CA TRP A 19 -11.53 -6.66 4.93
C TRP A 19 -13.04 -6.53 4.72
N ASP A 20 -13.58 -5.32 4.60
CA ASP A 20 -15.02 -5.18 4.24
C ASP A 20 -15.15 -5.52 2.75
N SER A 21 -16.38 -5.56 2.26
N SER A 21 -16.37 -5.79 2.30
CA SER A 21 -16.65 -6.10 0.94
CA SER A 21 -16.60 -6.25 0.93
C SER A 21 -16.19 -5.17 -0.18
C SER A 21 -16.13 -5.24 -0.11
N HIS A 22 -15.54 -5.74 -1.19
CA HIS A 22 -15.10 -4.93 -2.32
C HIS A 22 -16.01 -5.14 -3.51
N ALA A 23 -16.14 -4.10 -4.34
CA ALA A 23 -16.62 -4.25 -5.70
C ALA A 23 -15.54 -4.68 -6.68
N GLN A 24 -14.33 -4.16 -6.50
CA GLN A 24 -13.25 -4.50 -7.44
C GLN A 24 -11.93 -4.04 -6.85
N THR A 25 -10.85 -4.55 -7.45
CA THR A 25 -9.50 -4.10 -7.13
C THR A 25 -8.87 -3.41 -8.35
N TRP A 26 -8.13 -2.33 -8.10
CA TRP A 26 -7.39 -1.57 -9.15
C TRP A 26 -5.92 -1.82 -9.02
N ILE A 27 -5.26 -2.05 -10.16
CA ILE A 27 -3.81 -2.33 -10.21
C ILE A 27 -3.22 -1.63 -11.41
N GLY A 28 -2.04 -1.04 -11.29
N GLY A 28 -2.04 -1.04 -11.29
CA GLY A 28 -1.32 -0.47 -12.43
CA GLY A 28 -1.32 -0.44 -12.44
C GLY A 28 -0.52 -1.52 -13.20
C GLY A 28 -0.24 -1.39 -12.96
N TRP A 29 0.30 -1.07 -14.13
CA TRP A 29 1.13 -1.99 -14.89
C TRP A 29 2.55 -1.43 -15.06
N PRO A 30 3.56 -2.17 -14.62
CA PRO A 30 4.94 -1.64 -14.59
C PRO A 30 5.60 -1.61 -15.95
N GLU A 31 6.52 -0.65 -16.11
CA GLU A 31 7.20 -0.49 -17.40
C GLU A 31 8.54 0.20 -17.35
N ARG A 32 8.74 1.13 -16.43
CA ARG A 32 9.91 2.02 -16.59
C ARG A 32 11.21 1.25 -16.32
N GLN A 33 12.16 1.38 -17.26
CA GLN A 33 13.38 0.56 -17.24
C GLN A 33 14.36 0.93 -16.16
N ASP A 34 14.18 2.13 -15.55
CA ASP A 34 15.05 2.58 -14.50
C ASP A 34 14.54 2.20 -13.11
N ASN A 35 13.44 1.44 -13.06
CA ASN A 35 12.91 0.88 -11.79
C ASN A 35 12.66 -0.63 -11.89
N TRP A 36 12.50 -1.17 -13.10
CA TRP A 36 12.06 -2.54 -13.26
C TRP A 36 13.04 -3.24 -14.21
N ARG A 37 13.76 -4.21 -13.68
CA ARG A 37 14.83 -4.86 -14.48
C ARG A 37 14.28 -5.51 -15.74
N HIS A 38 15.18 -5.63 -16.73
CA HIS A 38 14.90 -6.43 -17.92
C HIS A 38 13.66 -5.98 -18.64
N ASN A 39 13.58 -4.66 -18.79
CA ASN A 39 12.49 -4.04 -19.51
C ASN A 39 11.15 -4.34 -18.85
N ALA A 40 11.18 -4.51 -17.53
CA ALA A 40 10.00 -4.78 -16.67
C ALA A 40 9.34 -6.09 -16.94
N LEU A 41 9.92 -6.96 -17.76
CA LEU A 41 9.18 -8.20 -18.07
C LEU A 41 8.97 -9.12 -16.86
N PRO A 42 10.00 -9.35 -16.02
CA PRO A 42 9.74 -10.19 -14.90
C PRO A 42 8.72 -9.59 -13.93
N ALA A 43 8.76 -8.28 -13.71
CA ALA A 43 7.74 -7.70 -12.85
C ALA A 43 6.35 -7.75 -13.49
N GLN A 44 6.27 -7.51 -14.78
CA GLN A 44 4.93 -7.60 -15.43
C GLN A 44 4.28 -8.96 -15.18
N ARG A 45 5.09 -10.03 -15.25
CA ARG A 45 4.58 -11.35 -15.06
C ARG A 45 4.14 -11.64 -13.63
N VAL A 46 4.82 -11.02 -12.66
CA VAL A 46 4.38 -11.14 -11.28
C VAL A 46 3.16 -10.27 -10.98
N PHE A 47 3.10 -9.05 -11.53
CA PHE A 47 1.86 -8.27 -11.42
C PHE A 47 0.67 -9.02 -12.02
N ALA A 48 0.86 -9.64 -13.19
CA ALA A 48 -0.24 -10.38 -13.81
C ALA A 48 -0.67 -11.54 -12.95
N GLY A 49 0.29 -12.18 -12.26
CA GLY A 49 -0.06 -13.26 -11.34
C GLY A 49 -0.82 -12.81 -10.11
N VAL A 50 -0.44 -11.64 -9.59
CA VAL A 50 -1.15 -11.06 -8.47
C VAL A 50 -2.56 -10.69 -8.89
N ALA A 51 -2.70 -10.05 -10.04
CA ALA A 51 -4.00 -9.68 -10.54
C ALA A 51 -4.88 -10.91 -10.76
N LYS A 52 -4.32 -11.94 -11.35
CA LYS A 52 -5.09 -13.15 -11.63
C LYS A 52 -5.51 -13.81 -10.34
N ALA A 53 -4.61 -13.87 -9.35
CA ALA A 53 -4.99 -14.48 -8.09
C ALA A 53 -6.15 -13.71 -7.46
N ILE A 54 -6.10 -12.36 -7.47
CA ILE A 54 -7.18 -11.58 -6.92
C ILE A 54 -8.47 -11.80 -7.68
N SER A 55 -8.37 -11.97 -8.99
CA SER A 55 -9.58 -12.12 -9.82
C SER A 55 -10.40 -13.37 -9.50
N LYS A 56 -9.79 -14.34 -8.82
CA LYS A 56 -10.55 -15.48 -8.34
C LYS A 56 -11.52 -15.12 -7.23
N PHE A 57 -11.26 -14.00 -6.57
CA PHE A 57 -12.09 -13.56 -5.45
C PHE A 57 -13.02 -12.43 -5.85
N GLU A 58 -12.57 -11.50 -6.73
CA GLU A 58 -13.38 -10.33 -7.00
C GLU A 58 -12.93 -9.74 -8.34
N PRO A 59 -13.69 -8.81 -8.92
CA PRO A 59 -13.29 -8.23 -10.21
C PRO A 59 -12.01 -7.41 -10.07
N VAL A 60 -11.21 -7.44 -11.13
CA VAL A 60 -9.97 -6.66 -11.16
C VAL A 60 -10.01 -5.80 -12.43
N THR A 61 -9.54 -4.56 -12.31
CA THR A 61 -9.15 -3.73 -13.47
C THR A 61 -7.66 -3.42 -13.36
N VAL A 62 -6.94 -3.75 -14.42
CA VAL A 62 -5.55 -3.32 -14.56
C VAL A 62 -5.48 -2.15 -15.51
N CYS A 63 -4.74 -1.10 -15.13
CA CYS A 63 -4.55 0.08 -15.93
C CYS A 63 -3.15 0.09 -16.48
N ALA A 64 -3.01 0.32 -17.81
CA ALA A 64 -1.72 0.22 -18.44
C ALA A 64 -1.52 1.42 -19.36
N SER A 65 -0.26 1.84 -19.51
CA SER A 65 0.00 3.04 -20.28
C SER A 65 -0.31 2.80 -21.77
N PRO A 66 -0.47 3.87 -22.54
CA PRO A 66 -0.73 3.73 -23.96
C PRO A 66 0.24 2.77 -24.64
N ALA A 67 1.51 2.87 -24.28
CA ALA A 67 2.50 2.00 -24.91
C ALA A 67 2.40 0.53 -24.53
N GLN A 68 1.79 0.27 -23.38
CA GLN A 68 1.75 -1.07 -22.81
C GLN A 68 0.37 -1.78 -22.89
N TRP A 69 -0.65 -1.07 -23.37
CA TRP A 69 -2.01 -1.63 -23.26
C TRP A 69 -2.08 -3.03 -23.94
N GLU A 70 -1.58 -3.14 -25.18
CA GLU A 70 -1.66 -4.47 -25.84
C GLU A 70 -0.90 -5.55 -25.06
N ASN A 71 0.30 -5.21 -24.58
CA ASN A 71 1.08 -6.16 -23.78
C ASN A 71 0.33 -6.62 -22.52
N ALA A 72 -0.21 -5.67 -21.76
CA ALA A 72 -0.99 -6.04 -20.58
C ALA A 72 -2.20 -6.90 -20.95
N ARG A 73 -2.90 -6.53 -22.04
CA ARG A 73 -4.07 -7.31 -22.42
C ARG A 73 -3.63 -8.75 -22.83
N LYS A 74 -2.47 -8.93 -23.47
CA LYS A 74 -2.01 -10.32 -23.75
C LYS A 74 -1.70 -11.10 -22.48
N GLN A 75 -1.12 -10.42 -21.49
CA GLN A 75 -0.54 -11.11 -20.34
C GLN A 75 -1.56 -11.40 -19.24
N LEU A 76 -2.77 -10.85 -19.38
CA LEU A 76 -3.83 -11.01 -18.38
C LEU A 76 -4.97 -11.83 -18.93
N PRO A 77 -5.61 -12.63 -18.05
CA PRO A 77 -6.74 -13.37 -18.51
C PRO A 77 -7.90 -12.46 -18.91
N GLU A 78 -8.78 -13.00 -19.72
CA GLU A 78 -9.81 -12.22 -20.36
C GLU A 78 -10.85 -11.63 -19.37
N ASP A 79 -11.04 -12.26 -18.22
CA ASP A 79 -11.98 -11.69 -17.27
C ASP A 79 -11.39 -10.60 -16.39
N ILE A 80 -10.14 -10.23 -16.64
CA ILE A 80 -9.57 -9.01 -16.03
C ILE A 80 -9.75 -7.89 -17.03
N ARG A 81 -10.34 -6.79 -16.61
CA ARG A 81 -10.52 -5.65 -17.50
C ARG A 81 -9.21 -4.87 -17.59
N VAL A 82 -8.79 -4.51 -18.80
CA VAL A 82 -7.59 -3.73 -19.00
C VAL A 82 -7.95 -2.41 -19.66
N VAL A 83 -7.59 -1.30 -19.02
CA VAL A 83 -7.89 0.02 -19.52
C VAL A 83 -6.62 0.81 -19.73
N GLU A 84 -6.66 1.77 -20.64
CA GLU A 84 -5.51 2.62 -20.91
C GLU A 84 -5.44 3.77 -19.89
N SER A 86 -2.30 6.74 -18.45
CA SER A 86 -0.89 7.23 -18.37
C SER A 86 -0.53 7.21 -16.88
N ASN A 88 3.30 7.54 -14.23
CA ASN A 88 4.75 7.55 -14.23
C ASN A 88 5.36 6.28 -13.61
N ASP A 89 4.59 5.59 -12.76
CA ASP A 89 4.96 4.24 -12.32
C ASP A 89 3.70 3.56 -11.80
N SER A 90 3.84 2.33 -11.30
CA SER A 90 2.65 1.50 -11.14
C SER A 90 2.36 1.10 -9.68
N TRP A 91 2.15 2.10 -8.82
CA TRP A 91 2.01 1.86 -7.38
C TRP A 91 0.66 2.41 -6.93
N PHE A 92 -0.43 1.74 -7.29
CA PHE A 92 -1.77 2.32 -7.12
C PHE A 92 -2.25 2.39 -5.68
N ARG A 93 -1.60 1.67 -4.75
CA ARG A 93 -1.88 1.89 -3.34
C ARG A 93 -1.60 3.35 -2.99
N ASP A 94 -0.62 3.92 -3.66
CA ASP A 94 -0.07 5.22 -3.26
C ASP A 94 -0.58 6.36 -4.13
N SER A 95 -0.66 6.14 -5.45
CA SER A 95 -1.15 7.19 -6.36
C SER A 95 -2.61 7.10 -6.62
N GLY A 96 -3.28 5.95 -6.36
CA GLY A 96 -4.70 5.75 -6.58
C GLY A 96 -5.54 6.39 -5.48
N PRO A 97 -6.85 6.42 -5.70
CA PRO A 97 -7.75 7.09 -4.75
C PRO A 97 -7.90 6.22 -3.51
N THR A 98 -8.11 6.88 -2.36
CA THR A 98 -8.53 6.14 -1.12
C THR A 98 -10.07 6.23 -1.05
N PHE A 99 -10.73 5.12 -1.32
CA PHE A 99 -12.18 5.09 -1.29
C PHE A 99 -12.78 5.19 0.12
N ILE A 100 -13.95 5.79 0.12
CA ILE A 100 -14.71 6.02 1.36
C ILE A 100 -16.16 5.66 1.08
N VAL A 101 -16.89 5.29 2.13
CA VAL A 101 -18.30 4.89 1.97
C VAL A 101 -19.13 5.54 3.05
N ARG A 102 -20.43 5.52 2.84
CA ARG A 102 -21.34 5.86 3.92
C ARG A 102 -22.52 4.90 3.93
N LYS A 103 -23.14 4.79 5.11
CA LYS A 103 -24.50 4.23 5.24
C LYS A 103 -25.62 5.08 4.61
N ARG A 104 -25.76 6.32 5.08
CA ARG A 104 -26.96 7.11 4.85
C ARG A 104 -26.67 8.45 4.18
N ASN A 112 -25.51 12.16 -3.36
CA ASN A 112 -26.38 11.03 -3.01
C ASN A 112 -25.69 9.65 -2.97
N ARG A 113 -24.64 9.47 -3.76
CA ARG A 113 -23.98 8.13 -3.84
C ARG A 113 -23.39 7.77 -2.50
N ASN A 114 -23.23 6.48 -2.24
CA ASN A 114 -22.75 6.08 -0.90
C ASN A 114 -21.31 5.60 -0.99
N ILE A 115 -20.68 5.89 -2.12
CA ILE A 115 -19.20 5.71 -2.24
C ILE A 115 -18.62 6.97 -2.87
N ALA A 116 -17.43 7.31 -2.44
CA ALA A 116 -16.65 8.40 -2.97
C ALA A 116 -15.17 8.04 -2.95
N GLY A 117 -14.33 8.84 -3.56
CA GLY A 117 -12.89 8.59 -3.48
C GLY A 117 -12.17 9.85 -3.10
N ILE A 118 -11.09 9.71 -2.34
CA ILE A 118 -10.24 10.83 -1.98
C ILE A 118 -9.02 10.86 -2.93
N ASP A 119 -8.81 12.02 -3.55
CA ASP A 119 -7.63 12.26 -4.40
C ASP A 119 -6.62 13.11 -3.62
N TRP A 120 -5.69 12.45 -2.93
CA TRP A 120 -4.66 13.16 -2.19
C TRP A 120 -3.69 13.80 -3.13
N ASN A 121 -3.00 14.84 -2.65
CA ASN A 121 -1.84 15.29 -3.40
C ASN A 121 -0.70 14.23 -3.34
N PHE A 122 0.31 14.32 -4.22
CA PHE A 122 1.28 13.27 -4.37
C PHE A 122 2.57 13.94 -4.81
N ASN A 123 3.68 13.40 -4.41
CA ASN A 123 5.01 13.94 -4.83
C ASN A 123 6.08 12.88 -5.02
N ALA A 124 5.69 11.68 -5.43
CA ALA A 124 6.62 10.57 -5.63
C ALA A 124 7.46 10.27 -4.37
N TRP A 125 6.80 10.24 -3.20
CA TRP A 125 7.43 9.84 -1.95
C TRP A 125 8.64 10.72 -1.61
N GLY A 126 8.39 12.05 -1.70
CA GLY A 126 9.37 13.00 -1.10
C GLY A 126 9.82 14.10 -2.04
N GLY A 127 9.24 14.18 -3.24
CA GLY A 127 9.32 15.43 -4.03
C GLY A 127 10.66 15.71 -4.68
N ALA A 128 10.88 16.95 -5.06
CA ALA A 128 12.01 17.24 -5.94
C ALA A 128 13.33 16.93 -5.23
N ASN A 129 13.34 17.07 -3.92
CA ASN A 129 14.48 16.76 -3.10
C ASN A 129 14.76 15.31 -2.79
N ASP A 130 13.70 14.53 -2.51
CA ASP A 130 13.86 13.31 -1.80
C ASP A 130 12.96 12.21 -2.40
N GLY A 131 12.36 12.49 -3.55
CA GLY A 131 11.43 11.60 -4.23
C GLY A 131 12.09 10.48 -4.99
N CYS A 132 11.29 9.54 -5.46
CA CYS A 132 11.86 8.36 -6.05
C CYS A 132 12.06 8.50 -7.55
N TYR A 133 11.38 9.46 -8.17
CA TYR A 133 11.62 9.77 -9.57
C TYR A 133 11.24 11.20 -9.83
N ASN A 134 11.70 11.75 -10.95
N ASN A 134 11.64 11.68 -11.01
CA ASN A 134 11.64 13.20 -11.09
CA ASN A 134 11.71 13.11 -11.34
C ASN A 134 10.35 13.80 -11.67
C ASN A 134 10.43 13.76 -11.87
N ASP A 135 9.45 12.96 -12.22
CA ASP A 135 8.23 13.47 -12.86
C ASP A 135 7.05 12.60 -12.42
N TRP A 136 6.14 13.23 -11.69
CA TRP A 136 4.90 12.53 -11.23
C TRP A 136 3.65 13.21 -11.78
N SER A 137 3.80 13.85 -12.94
N SER A 137 3.77 13.88 -12.92
CA SER A 137 2.69 14.59 -13.55
CA SER A 137 2.62 14.60 -13.43
C SER A 137 1.54 13.68 -13.93
C SER A 137 1.51 13.68 -13.95
N HIS A 138 1.85 12.50 -14.48
CA HIS A 138 0.78 11.55 -14.85
C HIS A 138 0.16 10.99 -13.58
N ASP A 139 1.02 10.60 -12.61
CA ASP A 139 0.50 10.08 -11.36
C ASP A 139 -0.52 10.97 -10.73
N LEU A 140 -0.31 12.31 -10.87
CA LEU A 140 -1.24 13.26 -10.26
C LEU A 140 -2.66 13.16 -10.83
N LEU A 141 -2.82 12.51 -11.98
CA LEU A 141 -4.16 12.39 -12.58
C LEU A 141 -4.79 11.00 -12.42
N VAL A 142 -4.04 10.04 -11.85
CA VAL A 142 -4.53 8.66 -11.79
C VAL A 142 -5.84 8.60 -10.97
N SER A 143 -5.90 9.27 -9.79
CA SER A 143 -7.09 9.16 -8.99
C SER A 143 -8.30 9.77 -9.69
N ARG A 144 -8.12 10.92 -10.33
CA ARG A 144 -9.24 11.54 -11.06
C ARG A 144 -9.70 10.59 -12.16
N LYS A 145 -8.76 9.98 -12.88
CA LYS A 145 -9.14 9.12 -14.00
C LYS A 145 -9.87 7.87 -13.55
N ILE A 146 -9.39 7.24 -12.45
CA ILE A 146 -10.09 6.08 -11.95
C ILE A 146 -11.51 6.44 -11.52
N LEU A 147 -11.63 7.52 -10.75
CA LEU A 147 -12.98 7.86 -10.25
C LEU A 147 -13.88 8.27 -11.43
N ALA A 148 -13.34 8.94 -12.43
CA ALA A 148 -14.16 9.32 -13.60
C ALA A 148 -14.62 8.05 -14.33
N LEU A 149 -13.72 7.08 -14.51
N LEU A 149 -13.75 7.07 -14.46
CA LEU A 149 -14.08 5.77 -15.11
CA LEU A 149 -14.10 5.87 -15.20
C LEU A 149 -15.32 5.21 -14.50
C LEU A 149 -15.21 5.05 -14.50
N GLU A 150 -15.29 5.13 -13.17
CA GLU A 150 -16.38 4.49 -12.40
C GLU A 150 -17.58 5.38 -12.10
N ARG A 151 -17.47 6.68 -12.49
CA ARG A 151 -18.50 7.67 -12.17
C ARG A 151 -18.75 7.72 -10.65
N ILE A 152 -17.65 7.82 -9.91
CA ILE A 152 -17.73 7.91 -8.45
C ILE A 152 -17.28 9.29 -8.03
N PRO A 153 -18.02 9.94 -7.15
CA PRO A 153 -17.63 11.29 -6.72
C PRO A 153 -16.27 11.39 -6.07
N ARG A 154 -15.66 12.57 -6.17
N ARG A 154 -15.76 12.60 -5.98
CA ARG A 154 -14.28 12.80 -5.72
CA ARG A 154 -14.35 12.84 -5.76
C ARG A 154 -14.21 13.93 -4.74
C ARG A 154 -14.19 13.97 -4.75
N PHE A 155 -13.45 13.70 -3.67
CA PHE A 155 -12.98 14.75 -2.78
C PHE A 155 -11.51 14.96 -3.05
N GLN A 156 -11.04 16.20 -3.03
CA GLN A 156 -9.66 16.49 -3.33
C GLN A 156 -9.00 17.08 -2.09
N HIS A 157 -7.79 16.64 -1.77
CA HIS A 157 -7.01 17.30 -0.74
C HIS A 157 -5.77 17.99 -1.29
N SER A 158 -5.32 19.04 -0.60
CA SER A 158 -4.05 19.63 -0.96
C SER A 158 -2.86 18.97 -0.26
N ILE A 160 -0.23 16.25 0.81
CA ILE A 160 0.41 15.08 0.16
C ILE A 160 0.19 13.85 1.02
N LEU A 161 -0.29 12.78 0.40
CA LEU A 161 -0.51 11.52 1.16
C LEU A 161 -0.49 10.36 0.19
N GLU A 162 0.01 9.21 0.66
CA GLU A 162 -0.13 7.96 -0.08
C GLU A 162 -0.98 7.00 0.74
N GLY A 163 -1.85 6.25 0.04
CA GLY A 163 -2.61 5.19 0.71
C GLY A 163 -1.76 4.18 1.49
N GLY A 164 -0.54 3.90 1.07
CA GLY A 164 0.29 2.96 1.80
C GLY A 164 0.75 3.47 3.14
N SER A 165 0.54 4.76 3.43
CA SER A 165 1.01 5.35 4.67
C SER A 165 -0.01 5.37 5.80
N ILE A 166 -1.23 4.92 5.50
CA ILE A 166 -2.33 4.93 6.50
C ILE A 166 -2.96 3.55 6.50
N HIS A 167 -3.38 3.11 7.69
CA HIS A 167 -4.14 1.90 7.80
C HIS A 167 -5.30 2.15 8.78
N VAL A 168 -6.48 1.57 8.52
CA VAL A 168 -7.62 1.77 9.41
C VAL A 168 -8.25 0.46 9.80
N ASP A 169 -8.96 0.50 10.96
CA ASP A 169 -9.71 -0.68 11.41
C ASP A 169 -11.21 -0.62 11.05
N GLY A 170 -11.65 0.49 10.47
CA GLY A 170 -13.06 0.69 10.15
C GLY A 170 -13.89 1.04 11.36
N GLU A 171 -13.24 1.12 12.51
CA GLU A 171 -13.96 1.51 13.75
C GLU A 171 -13.44 2.76 14.37
N GLY A 172 -12.71 3.57 13.62
CA GLY A 172 -12.29 4.88 14.08
C GLY A 172 -10.81 5.05 14.33
N THR A 173 -10.05 3.97 14.22
CA THR A 173 -8.62 4.06 14.49
C THR A 173 -7.86 4.18 13.17
N CYS A 174 -6.77 4.94 13.23
CA CYS A 174 -5.85 5.07 12.11
C CYS A 174 -4.45 4.76 12.66
N LEU A 175 -3.76 3.88 11.96
CA LEU A 175 -2.41 3.41 12.29
C LEU A 175 -1.46 3.96 11.25
N VAL A 176 -0.44 4.67 11.71
CA VAL A 176 0.47 5.45 10.86
C VAL A 176 1.89 5.40 11.38
N THR A 177 2.85 5.92 10.61
CA THR A 177 4.21 6.06 11.12
C THR A 177 4.61 7.53 11.13
N GLU A 178 5.34 7.87 12.19
CA GLU A 178 5.90 9.22 12.26
C GLU A 178 6.97 9.42 11.17
N GLU A 179 7.78 8.41 10.92
CA GLU A 179 8.87 8.48 9.93
C GLU A 179 8.34 9.00 8.57
N CYS A 180 7.15 8.56 8.20
CA CYS A 180 6.59 8.98 6.91
C CYS A 180 5.83 10.28 7.05
N LEU A 181 4.77 10.32 7.85
N LEU A 181 4.74 10.31 7.82
CA LEU A 181 3.81 11.43 7.74
CA LEU A 181 3.82 11.45 7.73
C LEU A 181 4.34 12.72 8.34
C LEU A 181 4.49 12.74 8.22
N LEU A 182 5.33 12.62 9.24
CA LEU A 182 5.97 13.82 9.80
C LEU A 182 7.28 14.20 9.11
N ASN A 183 7.63 13.51 8.01
CA ASN A 183 8.86 13.87 7.31
C ASN A 183 8.71 15.23 6.63
N LYS A 184 9.75 16.04 6.69
N LYS A 184 9.82 15.96 6.62
CA LYS A 184 9.65 17.33 6.03
CA LYS A 184 9.86 17.28 6.01
C LYS A 184 9.49 17.21 4.50
C LYS A 184 9.71 17.23 4.49
N ASN A 185 9.75 16.01 3.93
CA ASN A 185 9.54 15.82 2.49
C ASN A 185 8.11 15.63 2.05
N ARG A 186 7.16 15.66 3.01
CA ARG A 186 5.74 15.44 2.69
C ARG A 186 5.00 16.75 2.89
N ASN A 187 4.60 17.06 4.12
CA ASN A 187 3.82 18.28 4.45
C ASN A 187 4.46 19.14 5.56
N PRO A 188 5.57 19.79 5.22
CA PRO A 188 6.40 20.39 6.26
C PRO A 188 5.72 21.62 6.84
N HIS A 189 4.66 22.08 6.20
CA HIS A 189 3.90 23.25 6.67
C HIS A 189 2.88 22.87 7.75
N SER A 191 1.67 20.63 11.27
CA SER A 191 2.02 19.87 12.47
C SER A 191 1.37 18.49 12.48
N LYS A 192 1.82 17.68 13.43
CA LYS A 192 1.19 16.39 13.75
C LYS A 192 -0.31 16.58 13.99
N GLU A 193 -0.66 17.58 14.78
CA GLU A 193 -2.03 17.78 15.13
C GLU A 193 -2.87 18.17 13.93
N GLN A 194 -2.31 18.97 13.03
CA GLN A 194 -3.01 19.37 11.83
C GLN A 194 -3.21 18.18 10.86
N ILE A 195 -2.23 17.32 10.81
CA ILE A 195 -2.31 16.13 9.95
C ILE A 195 -3.40 15.22 10.52
N GLU A 196 -3.40 15.05 11.84
CA GLU A 196 -4.49 14.28 12.51
C GLU A 196 -5.88 14.83 12.19
N GLU A 197 -6.03 16.15 12.30
N GLU A 197 -6.06 16.14 12.32
CA GLU A 197 -7.30 16.79 12.02
CA GLU A 197 -7.35 16.74 12.04
C GLU A 197 -7.81 16.50 10.61
C GLU A 197 -7.82 16.51 10.60
N GLU A 198 -6.89 16.58 9.64
CA GLU A 198 -7.28 16.27 8.25
C GLU A 198 -7.66 14.82 8.08
N LEU A 199 -6.87 13.93 8.68
CA LEU A 199 -7.22 12.51 8.57
C LEU A 199 -8.54 12.22 9.26
N LYS A 200 -8.83 12.87 10.41
CA LYS A 200 -10.17 12.63 11.01
C LYS A 200 -11.24 13.06 10.02
N LYS A 201 -11.08 14.22 9.38
CA LYS A 201 -12.13 14.77 8.53
C LYS A 201 -12.29 13.93 7.25
N TYR A 202 -11.19 13.34 6.78
CA TYR A 202 -11.23 12.67 5.46
C TYR A 202 -11.42 11.17 5.56
N LEU A 203 -10.88 10.56 6.60
CA LEU A 203 -11.08 9.11 6.81
C LEU A 203 -12.19 8.73 7.77
N GLY A 204 -12.70 9.74 8.48
CA GLY A 204 -13.75 9.43 9.47
C GLY A 204 -13.22 8.73 10.69
N VAL A 205 -11.96 9.03 11.06
CA VAL A 205 -11.34 8.39 12.22
C VAL A 205 -11.36 9.36 13.39
N GLN A 206 -11.16 8.76 14.58
CA GLN A 206 -11.19 9.53 15.82
C GLN A 206 -9.88 9.51 16.57
N SER A 207 -9.06 8.48 16.37
N SER A 207 -9.06 8.49 16.31
CA SER A 207 -7.84 8.40 17.13
CA SER A 207 -7.92 8.21 17.18
C SER A 207 -6.76 7.72 16.32
C SER A 207 -6.76 7.52 16.45
N PHE A 208 -5.52 7.89 16.80
CA PHE A 208 -4.35 7.46 16.05
C PHE A 208 -3.47 6.55 16.88
N ILE A 209 -2.81 5.65 16.19
CA ILE A 209 -1.69 4.96 16.78
C ILE A 209 -0.46 5.27 15.91
N TRP A 210 0.51 6.01 16.45
CA TRP A 210 1.72 6.48 15.75
C TRP A 210 2.91 5.59 16.09
N LEU A 211 3.30 4.72 15.18
CA LEU A 211 4.56 3.99 15.35
C LEU A 211 5.68 4.92 14.91
N PRO A 212 6.77 5.00 15.66
CA PRO A 212 7.79 5.95 15.25
C PRO A 212 8.41 5.66 13.89
N ARG A 213 8.63 4.38 13.59
CA ARG A 213 9.39 4.01 12.40
C ARG A 213 8.68 2.87 11.67
N GLY A 214 8.91 2.84 10.36
CA GLY A 214 8.50 1.68 9.56
C GLY A 214 9.60 0.65 9.43
N LEU A 215 9.50 -0.14 8.37
CA LEU A 215 10.37 -1.29 8.19
C LEU A 215 11.79 -0.82 7.81
N TYR A 216 12.78 -1.48 8.40
CA TYR A 216 14.16 -1.25 7.94
C TYR A 216 14.29 -1.63 6.47
N GLY A 217 14.93 -0.72 5.72
CA GLY A 217 15.09 -0.90 4.28
C GLY A 217 14.05 -0.14 3.48
N ASP A 218 13.07 0.46 4.15
CA ASP A 218 12.00 1.22 3.46
C ASP A 218 12.24 2.73 3.58
N GLU A 219 13.50 3.17 3.60
CA GLU A 219 13.83 4.59 3.64
C GLU A 219 13.26 5.35 2.42
N ASP A 220 13.15 4.68 1.28
CA ASP A 220 12.65 5.39 0.12
C ASP A 220 11.17 5.84 0.17
N THR A 221 10.32 5.09 0.90
CA THR A 221 8.95 5.61 1.18
C THR A 221 8.93 6.40 2.48
N ASN A 222 10.04 6.34 3.22
CA ASN A 222 10.14 6.89 4.56
C ASN A 222 9.24 6.09 5.49
N GLY A 223 9.29 4.77 5.33
CA GLY A 223 8.72 3.90 6.39
C GLY A 223 7.20 3.83 6.36
N HIS A 224 6.63 3.59 5.19
CA HIS A 224 5.19 3.35 5.15
C HIS A 224 4.65 2.33 6.15
N ILE A 225 3.52 2.64 6.75
CA ILE A 225 2.92 1.70 7.70
C ILE A 225 2.63 0.33 7.05
N ASP A 226 2.26 0.32 5.78
CA ASP A 226 1.82 -0.92 5.19
C ASP A 226 2.90 -1.97 4.99
N ASN A 227 4.13 -1.58 5.19
N ASN A 227 4.17 -1.66 5.25
CA ASN A 227 5.20 -2.53 5.14
CA ASN A 227 5.24 -2.70 5.30
C ASN A 227 5.74 -2.82 6.52
C ASN A 227 5.54 -3.14 6.70
N CYS A 229 3.16 -2.75 9.79
CA CYS A 229 2.17 -3.27 10.73
C CYS A 229 0.82 -2.99 10.06
N CYS A 230 -0.16 -3.88 10.24
CA CYS A 230 -1.51 -3.61 9.75
C CYS A 230 -2.50 -4.28 10.69
N PHE A 231 -3.75 -3.87 10.59
CA PHE A 231 -4.84 -4.54 11.31
C PHE A 231 -5.15 -5.86 10.68
N ALA A 232 -5.46 -6.84 11.55
CA ALA A 232 -6.07 -8.07 11.11
C ALA A 232 -7.58 -8.08 11.35
N ARG A 233 -7.99 -7.38 12.39
CA ARG A 233 -9.42 -7.17 12.73
C ARG A 233 -9.37 -6.13 13.86
N PRO A 234 -10.52 -5.55 14.25
CA PRO A 234 -10.40 -4.54 15.33
C PRO A 234 -9.74 -5.10 16.58
N GLY A 235 -8.76 -4.34 17.06
CA GLY A 235 -8.01 -4.72 18.25
C GLY A 235 -6.85 -5.66 18.03
N VAL A 236 -6.53 -6.04 16.78
CA VAL A 236 -5.49 -7.06 16.54
C VAL A 236 -4.64 -6.59 15.37
N VAL A 237 -3.33 -6.55 15.55
CA VAL A 237 -2.41 -6.17 14.46
C VAL A 237 -1.42 -7.26 14.19
N LEU A 238 -0.90 -7.24 12.96
CA LEU A 238 0.21 -8.06 12.54
C LEU A 238 1.44 -7.14 12.44
N LEU A 239 2.54 -7.54 13.04
CA LEU A 239 3.72 -6.69 13.15
C LEU A 239 4.93 -7.40 12.55
N SER A 240 5.64 -6.72 11.67
CA SER A 240 6.91 -7.27 11.12
C SER A 240 7.91 -7.54 12.24
N TRP A 241 8.50 -8.74 12.26
CA TRP A 241 9.27 -9.16 13.46
C TRP A 241 10.54 -9.87 13.07
N THR A 242 11.59 -9.68 13.88
CA THR A 242 12.73 -10.59 13.85
C THR A 242 13.22 -10.77 15.27
N ASP A 243 13.75 -11.99 15.56
CA ASP A 243 14.47 -12.21 16.84
C ASP A 243 15.96 -11.92 16.78
N ASP A 244 16.45 -11.50 15.63
CA ASP A 244 17.90 -11.35 15.48
C ASP A 244 18.29 -9.94 15.90
N GLU A 245 18.90 -9.82 17.06
CA GLU A 245 19.33 -8.50 17.58
C GLU A 245 20.40 -7.78 16.75
N THR A 246 21.09 -8.48 15.85
CA THR A 246 22.02 -7.84 14.92
C THR A 246 21.39 -7.17 13.70
N ASP A 247 20.11 -7.45 13.45
CA ASP A 247 19.46 -6.89 12.27
C ASP A 247 18.99 -5.52 12.72
N PRO A 248 19.24 -4.47 11.92
CA PRO A 248 18.63 -3.17 12.23
C PRO A 248 17.12 -3.18 12.33
N GLN A 249 16.48 -4.19 11.75
CA GLN A 249 15.04 -4.30 11.97
C GLN A 249 14.63 -4.53 13.42
N TYR A 250 15.47 -5.22 14.20
CA TYR A 250 15.07 -5.64 15.53
C TYR A 250 14.67 -4.43 16.40
N GLU A 251 15.53 -3.40 16.44
CA GLU A 251 15.21 -2.27 17.33
C GLU A 251 13.93 -1.57 16.90
N ARG A 252 13.62 -1.60 15.60
CA ARG A 252 12.38 -1.00 15.11
C ARG A 252 11.17 -1.83 15.54
N SER A 253 11.27 -3.14 15.39
CA SER A 253 10.18 -4.04 15.80
C SER A 253 9.93 -3.92 17.30
N VAL A 254 11.02 -3.90 18.10
CA VAL A 254 10.85 -3.84 19.56
C VAL A 254 10.23 -2.50 19.95
N GLU A 255 10.66 -1.42 19.32
CA GLU A 255 10.06 -0.10 19.62
C GLU A 255 8.58 -0.07 19.22
N ALA A 256 8.26 -0.65 18.06
CA ALA A 256 6.84 -0.67 17.63
C ALA A 256 6.01 -1.51 18.62
N LEU A 257 6.55 -2.66 19.08
CA LEU A 257 5.80 -3.52 19.98
C LEU A 257 5.55 -2.78 21.31
N SER A 258 6.54 -2.01 21.75
CA SER A 258 6.39 -1.24 22.98
C SER A 258 5.30 -0.19 22.82
N VAL A 259 5.26 0.50 21.69
CA VAL A 259 4.19 1.49 21.44
C VAL A 259 2.82 0.80 21.38
N LEU A 260 2.74 -0.32 20.67
CA LEU A 260 1.48 -1.03 20.49
C LEU A 260 0.95 -1.55 21.82
N SER A 261 1.85 -2.01 22.69
N SER A 261 1.84 -2.05 22.66
CA SER A 261 1.47 -2.54 23.99
CA SER A 261 1.47 -2.55 23.98
C SER A 261 1.11 -1.45 24.99
C SER A 261 0.99 -1.45 24.93
N ASN A 262 1.31 -0.19 24.60
CA ASN A 262 0.86 0.96 25.37
C ASN A 262 -0.18 1.79 24.60
N SER A 263 -0.85 1.13 23.65
CA SER A 263 -1.81 1.88 22.80
C SER A 263 -3.22 1.37 23.10
N ILE A 264 -4.18 2.25 22.81
CA ILE A 264 -5.58 1.89 22.90
C ILE A 264 -6.25 2.41 21.61
N ASP A 265 -7.15 1.61 21.06
CA ASP A 265 -7.80 1.98 19.82
C ASP A 265 -8.98 2.90 20.02
N ALA A 266 -9.60 3.34 18.93
CA ALA A 266 -10.59 4.38 19.06
C ALA A 266 -11.83 3.97 19.84
N ARG A 267 -12.04 2.66 20.00
CA ARG A 267 -13.18 2.18 20.80
C ARG A 267 -12.75 1.76 22.18
N GLY A 268 -11.51 1.98 22.56
CA GLY A 268 -11.02 1.65 23.90
C GLY A 268 -10.53 0.23 24.11
N ARG A 269 -10.20 -0.48 23.03
N ARG A 269 -10.10 -0.41 23.02
CA ARG A 269 -9.55 -1.81 23.20
CA ARG A 269 -9.48 -1.75 23.10
C ARG A 269 -8.03 -1.65 23.28
C ARG A 269 -7.97 -1.61 23.28
N LYS A 270 -7.37 -2.50 24.07
CA LYS A 270 -5.94 -2.75 23.91
C LYS A 270 -5.66 -3.53 22.65
N ILE A 271 -4.45 -3.31 22.16
CA ILE A 271 -4.02 -3.91 20.90
C ILE A 271 -3.29 -5.23 21.14
N GLN A 272 -3.78 -6.31 20.57
CA GLN A 272 -3.05 -7.57 20.55
C GLN A 272 -2.18 -7.67 19.32
N VAL A 273 -0.94 -8.08 19.52
CA VAL A 273 0.05 -8.09 18.45
C VAL A 273 0.42 -9.51 18.08
N ILE A 274 0.27 -9.85 16.79
CA ILE A 274 0.75 -11.13 16.26
C ILE A 274 2.04 -10.84 15.50
N LYS A 275 3.14 -11.49 15.86
CA LYS A 275 4.45 -11.28 15.19
C LYS A 275 4.45 -12.04 13.87
N LEU A 276 4.76 -11.35 12.77
CA LEU A 276 4.82 -11.99 11.49
C LEU A 276 6.29 -11.86 11.02
N TYR A 277 7.04 -12.96 11.11
CA TYR A 277 8.49 -12.85 10.99
C TYR A 277 8.91 -12.47 9.55
N ILE A 278 9.84 -11.52 9.45
CA ILE A 278 10.37 -11.14 8.13
C ILE A 278 11.22 -12.31 7.60
N PRO A 279 11.42 -12.42 6.28
CA PRO A 279 12.36 -13.41 5.79
C PRO A 279 13.79 -13.13 6.25
N GLU A 280 14.62 -14.17 6.20
CA GLU A 280 16.08 -13.94 6.33
C GLU A 280 16.47 -12.82 5.35
N PRO A 281 17.35 -11.90 5.77
CA PRO A 281 17.55 -10.74 4.95
C PRO A 281 17.87 -11.02 3.50
N LEU A 282 17.25 -10.24 2.61
CA LEU A 282 17.40 -10.34 1.17
C LEU A 282 18.16 -9.11 0.68
N TYR A 283 19.03 -9.30 -0.30
CA TYR A 283 19.82 -8.20 -0.86
C TYR A 283 19.80 -8.24 -2.37
N THR A 285 20.96 -8.49 -6.01
CA THR A 285 22.17 -9.08 -6.58
C THR A 285 22.74 -8.21 -7.72
N GLU A 286 24.01 -8.43 -8.05
CA GLU A 286 24.58 -7.72 -9.18
C GLU A 286 23.82 -7.99 -10.46
N GLU A 287 23.41 -9.25 -10.66
CA GLU A 287 22.66 -9.62 -11.86
C GLU A 287 21.35 -8.83 -11.94
N GLU A 288 20.70 -8.67 -10.78
CA GLU A 288 19.46 -7.90 -10.77
C GLU A 288 19.73 -6.44 -11.11
N SER A 289 20.72 -5.84 -10.46
N SER A 289 20.70 -5.81 -10.45
CA SER A 289 20.97 -4.43 -10.61
CA SER A 289 20.94 -4.38 -10.65
C SER A 289 21.40 -4.10 -12.05
C SER A 289 21.36 -4.11 -12.10
N SER A 290 22.12 -5.05 -12.68
CA SER A 290 22.63 -4.87 -14.04
C SER A 290 21.54 -4.79 -15.11
N GLY A 291 20.33 -5.21 -14.74
CA GLY A 291 19.21 -5.17 -15.68
C GLY A 291 18.39 -3.91 -15.61
N ILE A 292 18.82 -2.93 -14.80
CA ILE A 292 18.08 -1.69 -14.56
C ILE A 292 18.87 -0.52 -15.15
N THR A 293 18.21 0.29 -15.98
CA THR A 293 18.91 1.39 -16.61
C THR A 293 19.15 2.55 -15.64
N GLN A 294 20.13 3.38 -15.97
CA GLN A 294 20.29 4.62 -15.22
C GLN A 294 20.23 5.82 -16.13
N ASP A 295 19.04 6.40 -16.20
CA ASP A 295 18.70 7.41 -17.19
C ASP A 295 18.69 8.78 -16.54
N GLY A 296 19.10 8.85 -15.27
CA GLY A 296 19.05 10.08 -14.49
C GLY A 296 17.67 10.60 -14.14
N GLU A 297 16.66 9.72 -14.17
CA GLU A 297 15.29 10.13 -13.82
C GLU A 297 14.73 9.53 -12.53
N ALA A 298 15.40 8.52 -11.98
CA ALA A 298 14.91 7.81 -10.81
C ALA A 298 16.09 7.51 -9.89
N ILE A 299 15.78 7.16 -8.64
CA ILE A 299 16.82 6.75 -7.70
C ILE A 299 17.53 5.50 -8.20
N PRO A 300 18.82 5.34 -7.85
CA PRO A 300 19.52 4.16 -8.32
C PRO A 300 19.10 2.91 -7.63
N ARG A 301 19.24 1.79 -8.34
CA ARG A 301 18.97 0.50 -7.76
C ARG A 301 20.25 -0.31 -7.76
N LEU A 302 20.82 -0.42 -6.57
CA LEU A 302 22.20 -0.91 -6.42
C LEU A 302 22.29 -2.32 -5.85
N ALA A 303 23.25 -3.06 -6.37
CA ALA A 303 23.59 -4.35 -5.78
C ALA A 303 23.99 -4.24 -4.32
N GLY A 304 23.44 -5.14 -3.49
CA GLY A 304 23.75 -5.14 -2.07
C GLY A 304 22.66 -4.50 -1.22
N THR A 305 21.72 -3.79 -1.88
CA THR A 305 20.66 -3.10 -1.10
C THR A 305 19.82 -4.10 -0.33
N ARG A 306 19.56 -3.84 0.94
CA ARG A 306 18.65 -4.67 1.75
C ARG A 306 17.23 -4.44 1.25
N LEU A 307 16.54 -5.51 0.87
CA LEU A 307 15.20 -5.34 0.31
C LEU A 307 14.18 -5.19 1.44
N ALA A 308 13.20 -4.33 1.20
CA ALA A 308 12.18 -4.03 2.21
C ALA A 308 11.10 -5.11 2.17
N ALA A 309 11.46 -6.31 2.65
CA ALA A 309 10.62 -7.49 2.45
C ALA A 309 9.88 -7.81 3.73
N SER A 310 8.55 -7.74 3.67
CA SER A 310 7.77 -8.15 4.83
C SER A 310 6.48 -8.80 4.41
N TYR A 311 6.09 -9.89 5.09
CA TYR A 311 4.83 -10.55 4.74
C TYR A 311 3.62 -9.71 5.17
N VAL A 312 3.83 -8.61 5.93
CA VAL A 312 2.74 -7.71 6.29
C VAL A 312 2.16 -7.00 5.04
N ASN A 313 2.94 -6.93 3.97
CA ASN A 313 2.48 -6.25 2.74
C ASN A 313 1.63 -7.19 1.87
N PHE A 314 0.62 -7.76 2.48
CA PHE A 314 -0.38 -8.62 1.80
C PHE A 314 -1.61 -7.78 1.51
N TYR A 315 -2.49 -8.29 0.66
CA TYR A 315 -3.74 -7.62 0.33
C TYR A 315 -4.92 -8.53 0.73
N ILE A 316 -5.94 -7.91 1.31
CA ILE A 316 -7.20 -8.60 1.65
C ILE A 316 -8.22 -8.36 0.56
N ALA A 317 -8.73 -9.46 -0.01
CA ALA A 317 -9.81 -9.38 -1.02
C ALA A 317 -11.02 -10.15 -0.45
N ASN A 318 -12.10 -10.20 -1.24
CA ASN A 318 -13.33 -10.90 -0.78
C ASN A 318 -13.10 -12.38 -0.60
N GLY A 319 -12.92 -12.76 0.65
CA GLY A 319 -12.67 -14.17 0.98
C GLY A 319 -11.25 -14.66 0.64
N GLY A 320 -10.32 -13.74 0.36
CA GLY A 320 -8.95 -14.15 -0.04
C GLY A 320 -7.93 -13.25 0.67
N ILE A 321 -6.77 -13.83 0.97
CA ILE A 321 -5.57 -13.08 1.42
C ILE A 321 -4.51 -13.37 0.37
N ILE A 322 -3.91 -12.32 -0.20
CA ILE A 322 -2.92 -12.49 -1.25
C ILE A 322 -1.57 -12.04 -0.68
N ALA A 323 -0.73 -13.03 -0.37
CA ALA A 323 0.47 -12.79 0.45
C ALA A 323 1.75 -13.04 -0.31
N PRO A 324 2.82 -12.27 -0.04
CA PRO A 324 4.07 -12.52 -0.74
C PRO A 324 4.76 -13.79 -0.29
N GLN A 325 5.55 -14.34 -1.20
CA GLN A 325 6.50 -15.42 -0.86
C GLN A 325 7.84 -14.97 -1.39
N PHE A 326 8.86 -15.10 -0.55
CA PHE A 326 10.18 -14.54 -0.85
C PHE A 326 11.24 -15.63 -1.05
N GLY A 327 10.82 -16.90 -1.08
CA GLY A 327 11.81 -17.98 -1.27
C GLY A 327 12.44 -18.45 0.03
N ASP A 328 11.98 -17.96 1.17
CA ASP A 328 12.63 -18.34 2.43
C ASP A 328 12.10 -19.71 2.84
N PRO A 329 13.01 -20.67 3.16
CA PRO A 329 12.61 -22.07 3.42
C PRO A 329 11.95 -22.35 4.74
N ILE A 330 11.82 -21.33 5.58
CA ILE A 330 10.86 -21.45 6.69
C ILE A 330 9.88 -20.30 6.81
N ARG A 331 10.32 -19.08 6.51
CA ARG A 331 9.42 -17.93 6.77
C ARG A 331 8.24 -17.82 5.80
N ASP A 332 8.39 -18.37 4.60
CA ASP A 332 7.29 -18.31 3.63
C ASP A 332 6.12 -19.15 4.15
N LYS A 333 6.43 -20.38 4.59
CA LYS A 333 5.36 -21.27 5.01
C LYS A 333 4.81 -20.81 6.39
N GLU A 334 5.67 -20.26 7.23
CA GLU A 334 5.20 -19.71 8.49
C GLU A 334 4.20 -18.56 8.25
N ALA A 335 4.51 -17.73 7.27
CA ALA A 335 3.62 -16.60 6.99
C ALA A 335 2.28 -17.11 6.50
N ILE A 336 2.28 -18.07 5.56
CA ILE A 336 0.99 -18.64 5.10
C ILE A 336 0.21 -19.21 6.30
N ARG A 337 0.92 -19.92 7.19
CA ARG A 337 0.19 -20.51 8.33
C ARG A 337 -0.37 -19.45 9.27
N VAL A 338 0.45 -18.46 9.65
CA VAL A 338 -0.02 -17.40 10.54
C VAL A 338 -1.18 -16.64 9.91
N LEU A 339 -1.07 -16.28 8.63
CA LEU A 339 -2.17 -15.57 7.99
C LEU A 339 -3.43 -16.45 7.89
N SER A 340 -3.26 -17.77 7.65
CA SER A 340 -4.43 -18.65 7.55
C SER A 340 -5.12 -18.75 8.92
N ASP A 341 -4.33 -18.78 9.99
CA ASP A 341 -4.94 -18.85 11.34
C ASP A 341 -5.63 -17.53 11.73
N THR A 342 -5.05 -16.41 11.28
CA THR A 342 -5.50 -15.08 11.67
C THR A 342 -6.72 -14.65 10.85
N PHE A 343 -6.87 -15.24 9.66
CA PHE A 343 -8.04 -14.98 8.79
C PHE A 343 -8.73 -16.29 8.41
N PRO A 344 -9.42 -16.90 9.40
CA PRO A 344 -9.94 -18.24 9.17
C PRO A 344 -11.11 -18.33 8.19
N HIS A 345 -11.70 -17.19 7.83
CA HIS A 345 -12.75 -17.19 6.80
C HIS A 345 -12.25 -16.78 5.43
N HIS A 346 -10.94 -16.64 5.32
CA HIS A 346 -10.33 -16.31 4.01
C HIS A 346 -9.47 -17.46 3.53
N SER A 347 -9.35 -17.61 2.23
N SER A 347 -9.26 -17.51 2.23
CA SER A 347 -8.32 -18.48 1.64
CA SER A 347 -8.33 -18.44 1.59
C SER A 347 -7.04 -17.66 1.43
C SER A 347 -7.00 -17.74 1.28
N VAL A 348 -5.92 -18.17 1.93
CA VAL A 348 -4.62 -17.54 1.77
C VAL A 348 -3.90 -18.11 0.56
N VAL A 349 -3.50 -17.20 -0.32
CA VAL A 349 -2.83 -17.56 -1.56
C VAL A 349 -1.45 -16.90 -1.50
N GLY A 350 -0.37 -17.65 -1.72
CA GLY A 350 0.95 -17.07 -1.77
C GLY A 350 1.34 -16.75 -3.20
N ILE A 351 2.13 -15.68 -3.38
CA ILE A 351 2.64 -15.31 -4.70
C ILE A 351 4.14 -15.51 -4.70
N GLU A 352 4.60 -16.53 -5.42
CA GLU A 352 6.00 -16.76 -5.54
C GLU A 352 6.62 -15.67 -6.40
N ASN A 353 7.91 -15.46 -6.24
CA ASN A 353 8.64 -14.41 -6.95
C ASN A 353 8.12 -13.02 -6.62
N ALA A 354 7.51 -12.87 -5.45
CA ALA A 354 7.20 -11.50 -4.98
C ALA A 354 8.43 -10.62 -4.85
N ARG A 355 9.60 -11.24 -4.69
CA ARG A 355 10.85 -10.51 -4.77
C ARG A 355 10.91 -9.54 -5.95
N GLU A 356 10.32 -9.93 -7.09
CA GLU A 356 10.42 -9.07 -8.25
C GLU A 356 9.78 -7.69 -8.01
N ILE A 357 8.74 -7.66 -7.15
CA ILE A 357 8.08 -6.37 -6.84
C ILE A 357 8.95 -5.61 -5.82
N VAL A 358 9.50 -6.33 -4.82
N VAL A 358 9.56 -6.38 -4.90
CA VAL A 358 10.29 -5.65 -3.80
CA VAL A 358 10.32 -5.82 -3.80
C VAL A 358 11.59 -5.06 -4.32
C VAL A 358 11.64 -5.21 -4.25
N LEU A 359 12.10 -5.60 -5.43
CA LEU A 359 13.30 -4.96 -6.01
C LEU A 359 13.04 -3.48 -6.29
N ALA A 360 11.80 -3.09 -6.52
CA ALA A 360 11.47 -1.68 -6.85
C ALA A 360 10.82 -1.02 -5.65
N GLY A 361 10.92 -1.64 -4.47
CA GLY A 361 10.65 -0.97 -3.18
C GLY A 361 9.30 -1.20 -2.55
N GLY A 362 8.49 -2.13 -3.09
CA GLY A 362 7.19 -2.38 -2.44
C GLY A 362 6.72 -3.78 -2.74
N ASN A 363 5.42 -4.01 -2.58
N ASN A 363 5.50 -4.12 -2.34
CA ASN A 363 4.95 -5.40 -2.61
CA ASN A 363 5.03 -5.49 -2.67
C ASN A 363 3.48 -5.44 -2.94
C ASN A 363 3.52 -5.46 -2.93
N ILE A 364 2.84 -6.58 -2.75
CA ILE A 364 1.44 -6.78 -3.16
C ILE A 364 0.53 -5.67 -2.65
N HIS A 365 0.62 -5.33 -1.38
CA HIS A 365 -0.24 -4.28 -0.88
C HIS A 365 0.00 -2.95 -1.57
N CYS A 366 1.25 -2.68 -1.94
N CYS A 366 1.25 -2.63 -1.90
CA CYS A 366 1.62 -1.41 -2.59
CA CYS A 366 1.48 -1.34 -2.54
C CYS A 366 1.10 -1.27 -4.01
C CYS A 366 0.96 -1.25 -3.97
N ILE A 367 0.75 -2.39 -4.62
CA ILE A 367 0.36 -2.34 -6.05
C ILE A 367 -1.14 -2.46 -6.22
N THR A 368 -1.90 -2.55 -5.13
CA THR A 368 -3.36 -2.73 -5.20
C THR A 368 -4.07 -1.53 -4.59
N GLN A 369 -5.33 -1.32 -4.98
CA GLN A 369 -6.19 -0.30 -4.30
C GLN A 369 -7.62 -0.85 -4.35
N GLN A 370 -8.22 -1.11 -3.21
CA GLN A 370 -9.56 -1.69 -3.17
C GLN A 370 -10.62 -0.63 -3.46
N GLN A 371 -11.63 -1.03 -4.21
CA GLN A 371 -12.86 -0.26 -4.35
C GLN A 371 -13.92 -0.97 -3.55
N PRO A 372 -14.33 -0.39 -2.41
CA PRO A 372 -15.43 -0.96 -1.61
C PRO A 372 -16.68 -1.17 -2.39
N ALA A 373 -17.49 -2.12 -1.94
CA ALA A 373 -18.83 -2.23 -2.43
C ALA A 373 -19.60 -1.01 -1.91
N GLU A 374 -20.50 -0.48 -2.74
CA GLU A 374 -21.27 0.71 -2.37
C GLU A 374 -22.44 0.31 -1.50
N PRO A 375 -22.54 0.84 -0.26
CA PRO A 375 -23.68 0.47 0.59
C PRO A 375 -24.97 0.94 -0.02
N THR A 376 -26.01 0.12 0.14
CA THR A 376 -27.31 0.52 -0.39
C THR A 376 -28.14 1.09 0.77
#